data_4IO0
#
_entry.id   4IO0
#
_cell.length_a   109.640
_cell.length_b   109.640
_cell.length_c   117.496
_cell.angle_alpha   90.00
_cell.angle_beta   90.00
_cell.angle_gamma   90.00
#
_symmetry.space_group_name_H-M   'P 41 21 2'
#
loop_
_entity.id
_entity.type
_entity.pdbx_description
1 polymer 'Soluble epoxide hydrolase'
2 non-polymer 'SULFATE ION'
3 non-polymer (2R)-3-(naphthalen-1-yloxy)propane-1,2-diol
4 water water
#
_entity_poly.entity_id   1
_entity_poly.type   'polypeptide(L)'
_entity_poly.pdbx_seq_one_letter_code
;GSHMASMTGGQQMGRGSMSKQYINVNGVNLHYISKGQGELMLFLHGFPDFSHIWRHQIDEFSNDFHTVALDLRGYNLSEK
PSGLESYEIDVLVEDIRQVIEGLGYSSCTLVVHDWGAGIGWTFAYRYPEYVQKLIAFNGPHPYTAMRELRTNKNQQKASE
YMKWFQKQEVQDYMERDNFSGLRKLVIDPGVKKGYLTADDVQAYMNSWENGSVLSMLSYYRNLKIFTEEDLRRKSLFPLE
EEVLNIPVQIIWGNQDPTFMPENLDGIEEYVPNISVHRLAEASHAPQHEKPQEVNNVMWNFLNK
;
_entity_poly.pdbx_strand_id   A,B
#
loop_
_chem_comp.id
_chem_comp.type
_chem_comp.name
_chem_comp.formula
RN1 non-polymer (2R)-3-(naphthalen-1-yloxy)propane-1,2-diol 'C13 H14 O3'
SO4 non-polymer 'SULFATE ION' 'O4 S -2'
#
# COMPACT_ATOMS: atom_id res chain seq x y z
N SER A 17 25.68 -10.84 18.77
CA SER A 17 24.81 -9.71 18.52
C SER A 17 23.32 -10.03 18.75
N MET A 18 22.98 -11.32 18.86
CA MET A 18 21.57 -11.72 19.06
C MET A 18 21.00 -11.69 20.49
N SER A 19 19.89 -10.97 20.66
CA SER A 19 19.18 -10.94 21.94
C SER A 19 17.81 -11.63 21.91
N LYS A 20 17.39 -12.11 23.07
CA LYS A 20 16.06 -12.68 23.24
C LYS A 20 15.41 -11.96 24.43
N GLN A 21 14.19 -11.45 24.23
CA GLN A 21 13.47 -10.75 25.30
C GLN A 21 11.96 -10.63 25.07
N TYR A 22 11.31 -9.89 25.96
CA TYR A 22 9.85 -9.75 25.98
C TYR A 22 9.35 -8.37 25.59
N ILE A 23 8.09 -8.29 25.21
CA ILE A 23 7.45 -7.01 24.93
C ILE A 23 6.00 -7.08 25.39
N ASN A 24 5.55 -6.06 26.10
CA ASN A 24 4.14 -5.99 26.48
C ASN A 24 3.35 -5.27 25.41
N VAL A 25 2.43 -6.00 24.78
CA VAL A 25 1.53 -5.43 23.78
C VAL A 25 0.19 -6.14 23.90
N ASN A 26 -0.89 -5.37 23.95
CA ASN A 26 -2.21 -5.94 23.77
C ASN A 26 -2.63 -6.90 24.90
N GLY A 27 -2.06 -6.72 26.09
CA GLY A 27 -2.43 -7.53 27.24
C GLY A 27 -1.66 -8.84 27.39
N VAL A 28 -0.53 -8.95 26.69
CA VAL A 28 0.32 -10.14 26.77
C VAL A 28 1.78 -9.77 26.74
N ASN A 29 2.61 -10.72 27.13
CA ASN A 29 4.05 -10.57 26.99
C ASN A 29 4.56 -11.56 25.96
N LEU A 30 4.97 -11.03 24.82
CA LEU A 30 5.47 -11.85 23.76
C LEU A 30 6.98 -11.96 23.86
N HIS A 31 7.47 -13.20 23.87
CA HIS A 31 8.90 -13.44 23.72
C HIS A 31 9.29 -13.22 22.26
N TYR A 32 10.46 -12.61 22.04
CA TYR A 32 10.93 -12.35 20.68
C TYR A 32 12.45 -12.38 20.54
N ILE A 33 12.92 -13.01 19.47
CA ILE A 33 14.33 -12.97 19.06
C ILE A 33 14.64 -11.64 18.37
N SER A 34 15.79 -11.06 18.67
CA SER A 34 16.18 -9.79 18.07
C SER A 34 17.63 -9.78 17.61
N LYS A 35 17.91 -9.16 16.47
CA LYS A 35 19.26 -9.03 15.97
C LYS A 35 19.41 -7.93 14.93
N GLY A 36 20.58 -7.29 14.90
CA GLY A 36 20.82 -6.24 13.95
C GLY A 36 20.10 -4.95 14.29
N GLN A 37 20.35 -3.93 13.48
CA GLN A 37 19.79 -2.60 13.72
C GLN A 37 19.38 -1.97 12.39
N GLY A 38 18.40 -1.08 12.47
CA GLY A 38 17.95 -0.31 11.32
C GLY A 38 16.45 -0.43 11.11
N GLU A 39 16.04 -0.38 9.84
CA GLU A 39 14.67 -0.67 9.44
C GLU A 39 14.24 -2.03 9.96
N LEU A 40 12.97 -2.15 10.31
CA LEU A 40 12.46 -3.36 10.97
C LEU A 40 12.08 -4.47 10.00
N MET A 41 12.66 -5.66 10.19
CA MET A 41 12.19 -6.81 9.49
C MET A 41 11.54 -7.77 10.50
N LEU A 42 10.23 -7.89 10.39
CA LEU A 42 9.44 -8.64 11.36
C LEU A 42 9.01 -10.01 10.78
N PHE A 43 9.37 -11.10 11.47
CA PHE A 43 9.02 -12.46 11.03
C PHE A 43 7.89 -13.08 11.88
N LEU A 44 6.85 -13.57 11.21
CA LEU A 44 5.75 -14.23 11.90
C LEU A 44 5.70 -15.72 11.51
N HIS A 45 5.98 -16.58 12.47
CA HIS A 45 5.95 -18.03 12.28
C HIS A 45 4.51 -18.54 12.34
N GLY A 46 4.37 -19.87 12.36
CA GLY A 46 3.05 -20.48 12.48
C GLY A 46 3.12 -21.82 13.17
N PHE A 47 2.10 -22.65 12.93
CA PHE A 47 2.00 -23.95 13.59
C PHE A 47 2.88 -25.02 12.94
N PRO A 48 3.58 -25.84 13.75
CA PRO A 48 3.80 -25.76 15.20
C PRO A 48 5.21 -25.29 15.48
N ASP A 49 5.61 -24.19 14.86
CA ASP A 49 6.98 -23.71 14.99
C ASP A 49 7.04 -22.55 15.99
N PHE A 50 8.02 -21.65 15.78
CA PHE A 50 8.25 -20.49 16.64
C PHE A 50 9.41 -19.72 16.05
N SER A 51 9.70 -18.57 16.65
CA SER A 51 10.75 -17.66 16.17
C SER A 51 11.96 -18.34 15.54
N HIS A 52 12.34 -19.49 16.07
CA HIS A 52 13.54 -20.17 15.62
C HIS A 52 13.56 -20.54 14.13
N ILE A 53 12.39 -20.84 13.57
CA ILE A 53 12.34 -21.24 12.15
C ILE A 53 12.94 -20.18 11.22
N TRP A 54 13.10 -18.97 11.74
CA TRP A 54 13.57 -17.87 10.92
C TRP A 54 15.07 -17.64 11.05
N ARG A 55 15.74 -18.53 11.80
CA ARG A 55 17.17 -18.40 12.09
C ARG A 55 18.03 -18.00 10.90
N HIS A 56 17.84 -18.64 9.76
CA HIS A 56 18.68 -18.38 8.61
C HIS A 56 18.50 -16.98 8.01
N GLN A 57 17.26 -16.49 8.07
CA GLN A 57 16.92 -15.13 7.66
C GLN A 57 17.50 -14.09 8.61
N ILE A 58 17.44 -14.39 9.91
CA ILE A 58 18.02 -13.50 10.90
C ILE A 58 19.53 -13.34 10.72
N ASP A 59 20.22 -14.44 10.47
CA ASP A 59 21.68 -14.39 10.29
C ASP A 59 22.05 -13.59 9.05
N GLU A 60 21.14 -13.60 8.09
CA GLU A 60 21.40 -13.09 6.75
C GLU A 60 21.13 -11.60 6.61
N PHE A 61 19.99 -11.14 7.08
CA PHE A 61 19.61 -9.76 6.84
C PHE A 61 19.89 -8.79 7.99
N SER A 62 20.49 -9.30 9.07
CA SER A 62 20.62 -8.50 10.27
C SER A 62 21.69 -7.41 10.20
N ASN A 63 22.50 -7.42 9.14
CA ASN A 63 23.45 -6.34 8.95
C ASN A 63 22.84 -5.23 8.10
N ASP A 64 21.63 -5.48 7.61
CA ASP A 64 20.94 -4.49 6.78
C ASP A 64 19.60 -4.11 7.38
N PHE A 65 19.07 -4.97 8.23
CA PHE A 65 17.82 -4.68 8.92
C PHE A 65 17.96 -4.92 10.39
N HIS A 66 16.99 -4.43 11.14
CA HIS A 66 16.80 -4.89 12.49
C HIS A 66 15.84 -6.06 12.41
N THR A 67 16.38 -7.27 12.49
CA THR A 67 15.54 -8.45 12.33
C THR A 67 14.88 -8.84 13.66
N VAL A 68 13.56 -8.97 13.66
CA VAL A 68 12.86 -9.39 14.86
C VAL A 68 11.97 -10.58 14.53
N ALA A 69 12.17 -11.68 15.26
CA ALA A 69 11.35 -12.88 15.08
C ALA A 69 10.53 -13.11 16.35
N LEU A 70 9.21 -13.11 16.17
CA LEU A 70 8.29 -13.06 17.28
C LEU A 70 7.74 -14.44 17.59
N ASP A 71 7.50 -14.69 18.89
CA ASP A 71 6.75 -15.87 19.32
C ASP A 71 5.28 -15.49 19.50
N LEU A 72 4.44 -15.96 18.57
CA LEU A 72 3.01 -15.73 18.63
C LEU A 72 2.42 -16.14 19.99
N ARG A 73 1.46 -15.35 20.48
CA ARG A 73 0.88 -15.67 21.78
C ARG A 73 0.56 -17.16 21.84
N GLY A 74 0.89 -17.77 22.98
CA GLY A 74 0.63 -19.17 23.21
C GLY A 74 1.83 -20.05 22.91
N TYR A 75 2.71 -19.56 22.04
CA TYR A 75 3.85 -20.34 21.51
C TYR A 75 5.10 -20.20 22.37
N ASN A 76 5.84 -21.29 22.51
CA ASN A 76 7.13 -21.24 23.22
C ASN A 76 7.06 -20.44 24.54
N LEU A 77 7.79 -19.33 24.62
CA LEU A 77 7.88 -18.59 25.87
C LEU A 77 6.95 -17.36 25.93
N SER A 78 5.99 -17.28 25.02
CA SER A 78 5.09 -16.13 25.06
C SER A 78 3.95 -16.45 26.00
N GLU A 79 3.45 -15.43 26.68
CA GLU A 79 2.31 -15.63 27.56
C GLU A 79 1.24 -16.46 26.86
N LYS A 80 0.45 -17.17 27.65
CA LYS A 80 -0.55 -18.06 27.12
C LYS A 80 -1.91 -17.78 27.75
N PRO A 81 -2.57 -16.68 27.34
CA PRO A 81 -3.86 -16.26 27.91
C PRO A 81 -4.91 -17.34 27.72
N SER A 82 -5.99 -17.31 28.52
CA SER A 82 -7.04 -18.33 28.47
C SER A 82 -8.19 -17.90 27.57
N GLY A 83 -8.92 -18.87 27.04
CA GLY A 83 -10.16 -18.59 26.36
C GLY A 83 -9.97 -18.37 24.88
N LEU A 84 -10.83 -19.03 24.10
CA LEU A 84 -10.75 -18.97 22.65
C LEU A 84 -10.69 -17.53 22.17
N GLU A 85 -11.31 -16.64 22.93
CA GLU A 85 -11.45 -15.25 22.54
C GLU A 85 -10.10 -14.57 22.42
N SER A 86 -9.10 -15.11 23.12
CA SER A 86 -7.76 -14.55 23.14
C SER A 86 -7.00 -14.87 21.87
N TYR A 87 -7.62 -15.67 21.01
CA TYR A 87 -6.95 -16.16 19.82
C TYR A 87 -7.76 -15.89 18.57
N GLU A 88 -8.60 -14.86 18.63
CA GLU A 88 -9.36 -14.40 17.48
C GLU A 88 -8.45 -13.56 16.58
N ILE A 89 -8.68 -13.66 15.26
CA ILE A 89 -7.88 -12.95 14.29
C ILE A 89 -7.74 -11.47 14.64
N ASP A 90 -8.83 -10.85 15.08
CA ASP A 90 -8.82 -9.43 15.45
C ASP A 90 -7.78 -9.19 16.51
N VAL A 91 -7.76 -10.08 17.49
CA VAL A 91 -6.82 -9.95 18.57
C VAL A 91 -5.40 -10.07 18.04
N LEU A 92 -5.12 -11.17 17.32
CA LEU A 92 -3.78 -11.43 16.81
C LEU A 92 -3.31 -10.29 15.91
N VAL A 93 -4.13 -9.89 14.96
CA VAL A 93 -3.80 -8.72 14.15
C VAL A 93 -3.34 -7.53 15.03
N GLU A 94 -4.11 -7.21 16.06
CA GLU A 94 -3.78 -6.07 16.90
C GLU A 94 -2.41 -6.27 17.57
N ASP A 95 -2.17 -7.50 18.03
CA ASP A 95 -0.86 -7.90 18.52
C ASP A 95 0.25 -7.41 17.61
N ILE A 96 0.13 -7.72 16.32
CA ILE A 96 1.17 -7.37 15.35
C ILE A 96 1.28 -5.85 15.27
N ARG A 97 0.14 -5.16 15.20
CA ARG A 97 0.14 -3.72 15.13
C ARG A 97 0.86 -3.11 16.31
N GLN A 98 0.51 -3.55 17.52
CA GLN A 98 1.14 -3.03 18.72
C GLN A 98 2.67 -3.26 18.77
N VAL A 99 3.11 -4.37 18.17
CA VAL A 99 4.54 -4.74 18.12
C VAL A 99 5.41 -3.80 17.25
N ILE A 100 5.01 -3.57 16.00
CA ILE A 100 5.69 -2.61 15.15
C ILE A 100 5.83 -1.29 15.89
N GLU A 101 4.71 -0.84 16.45
CA GLU A 101 4.68 0.40 17.22
C GLU A 101 5.71 0.38 18.36
N GLY A 102 5.53 -0.56 19.28
CA GLY A 102 6.30 -0.60 20.51
C GLY A 102 7.77 -0.93 20.36
N LEU A 103 8.14 -1.40 19.17
CA LEU A 103 9.54 -1.64 18.87
C LEU A 103 10.18 -0.36 18.30
N GLY A 104 9.34 0.66 18.12
CA GLY A 104 9.79 1.98 17.73
C GLY A 104 9.54 2.36 16.27
N TYR A 105 8.52 1.75 15.68
CA TYR A 105 8.39 1.83 14.23
C TYR A 105 6.98 2.22 13.81
N SER A 106 6.84 2.83 12.65
CA SER A 106 5.52 3.18 12.14
C SER A 106 5.18 2.29 10.93
N SER A 107 6.15 1.45 10.54
CA SER A 107 6.01 0.48 9.45
C SER A 107 7.18 -0.52 9.45
N CYS A 108 7.04 -1.63 8.73
CA CYS A 108 8.11 -2.61 8.64
C CYS A 108 8.09 -3.41 7.33
N THR A 109 9.10 -4.26 7.14
CA THR A 109 9.01 -5.31 6.14
C THR A 109 8.56 -6.58 6.85
N LEU A 110 7.43 -7.13 6.42
CA LEU A 110 6.77 -8.21 7.14
C LEU A 110 6.95 -9.56 6.42
N VAL A 111 7.56 -10.52 7.11
CA VAL A 111 7.83 -11.85 6.56
C VAL A 111 7.01 -12.94 7.27
N VAL A 112 6.19 -13.66 6.52
CA VAL A 112 5.15 -14.49 7.14
C VAL A 112 5.07 -15.94 6.63
N HIS A 113 4.62 -16.84 7.50
CA HIS A 113 4.54 -18.27 7.18
C HIS A 113 3.43 -18.92 7.97
N ASP A 114 2.66 -19.80 7.32
CA ASP A 114 1.64 -20.59 8.02
C ASP A 114 0.62 -19.65 8.66
N TRP A 115 0.31 -19.92 9.93
CA TRP A 115 -0.59 -19.06 10.68
C TRP A 115 -0.12 -17.62 10.70
N GLY A 116 1.18 -17.42 10.62
CA GLY A 116 1.72 -16.07 10.64
C GLY A 116 1.34 -15.34 9.38
N ALA A 117 1.18 -16.09 8.29
CA ALA A 117 0.77 -15.55 7.00
C ALA A 117 -0.72 -15.25 6.97
N GLY A 118 -1.53 -16.12 7.58
CA GLY A 118 -2.94 -15.82 7.77
C GLY A 118 -3.12 -14.49 8.50
N ILE A 119 -2.39 -14.30 9.58
CA ILE A 119 -2.42 -13.06 10.33
C ILE A 119 -1.82 -11.91 9.51
N GLY A 120 -0.61 -12.13 9.01
CA GLY A 120 0.11 -11.14 8.22
C GLY A 120 -0.68 -10.63 7.04
N TRP A 121 -1.18 -11.54 6.22
CA TRP A 121 -2.00 -11.15 5.09
C TRP A 121 -3.11 -10.23 5.54
N THR A 122 -3.83 -10.62 6.58
CA THR A 122 -4.96 -9.83 7.06
C THR A 122 -4.49 -8.46 7.53
N PHE A 123 -3.42 -8.44 8.30
CA PHE A 123 -2.86 -7.19 8.78
C PHE A 123 -2.55 -6.28 7.61
N ALA A 124 -1.83 -6.80 6.64
CA ALA A 124 -1.40 -6.02 5.49
C ALA A 124 -2.58 -5.41 4.75
N TYR A 125 -3.59 -6.21 4.45
CA TYR A 125 -4.78 -5.67 3.78
C TYR A 125 -5.41 -4.55 4.60
N ARG A 126 -5.46 -4.76 5.92
CA ARG A 126 -6.09 -3.81 6.85
C ARG A 126 -5.26 -2.57 7.15
N TYR A 127 -3.95 -2.67 7.01
CA TYR A 127 -3.05 -1.61 7.41
C TYR A 127 -1.90 -1.46 6.45
N PRO A 128 -2.20 -1.35 5.15
CA PRO A 128 -1.09 -1.30 4.17
C PRO A 128 -0.05 -0.24 4.52
N GLU A 129 -0.42 0.75 5.32
CA GLU A 129 0.52 1.82 5.76
C GLU A 129 1.57 1.31 6.73
N TYR A 130 1.36 0.11 7.27
CA TYR A 130 2.26 -0.45 8.27
C TYR A 130 3.26 -1.42 7.65
N VAL A 131 3.01 -1.77 6.39
CA VAL A 131 3.86 -2.73 5.70
C VAL A 131 4.51 -2.12 4.46
N GLN A 132 5.83 -1.92 4.47
CA GLN A 132 6.54 -1.45 3.27
C GLN A 132 6.60 -2.52 2.18
N LYS A 133 6.84 -3.76 2.61
CA LYS A 133 6.91 -4.90 1.71
C LYS A 133 6.49 -6.18 2.45
N LEU A 134 5.74 -7.04 1.75
CA LEU A 134 5.32 -8.31 2.31
C LEU A 134 5.99 -9.50 1.60
N ILE A 135 6.56 -10.40 2.41
CA ILE A 135 7.14 -11.65 1.94
C ILE A 135 6.38 -12.79 2.57
N ALA A 136 5.73 -13.61 1.75
CA ALA A 136 4.83 -14.64 2.26
C ALA A 136 5.21 -16.04 1.76
N PHE A 137 5.34 -16.96 2.72
CA PHE A 137 5.63 -18.38 2.43
C PHE A 137 4.32 -19.20 2.44
N ASN A 138 4.41 -20.53 2.37
CA ASN A 138 3.20 -21.34 2.34
C ASN A 138 2.26 -20.94 3.47
N GLY A 139 1.00 -20.70 3.14
CA GLY A 139 0.03 -20.26 4.13
C GLY A 139 -1.13 -19.63 3.40
N PRO A 140 -2.23 -19.37 4.12
CA PRO A 140 -3.50 -18.95 3.51
C PRO A 140 -3.59 -17.49 3.05
N HIS A 141 -3.94 -17.30 1.79
CA HIS A 141 -4.31 -15.98 1.33
C HIS A 141 -5.79 -15.82 1.63
N PRO A 142 -6.16 -14.71 2.23
CA PRO A 142 -7.53 -14.42 2.66
C PRO A 142 -8.58 -14.76 1.60
N TYR A 143 -8.29 -14.51 0.32
CA TYR A 143 -9.31 -14.71 -0.72
C TYR A 143 -9.21 -16.06 -1.44
N THR A 144 -8.06 -16.34 -2.02
CA THR A 144 -7.84 -17.62 -2.69
C THR A 144 -8.07 -18.81 -1.76
N ALA A 145 -7.52 -18.76 -0.55
CA ALA A 145 -7.70 -19.83 0.43
C ALA A 145 -9.17 -20.25 0.56
N MET A 146 -10.06 -19.28 0.61
CA MET A 146 -11.49 -19.57 0.66
C MET A 146 -11.97 -20.24 -0.63
N ARG A 147 -11.57 -19.67 -1.78
CA ARG A 147 -11.95 -20.17 -3.10
C ARG A 147 -11.62 -21.64 -3.33
N GLU A 148 -10.41 -22.03 -2.93
CA GLU A 148 -9.93 -23.39 -3.12
C GLU A 148 -10.59 -24.35 -2.13
N LEU A 149 -11.01 -23.82 -0.99
CA LEU A 149 -11.73 -24.64 -0.03
C LEU A 149 -13.14 -24.92 -0.53
N ARG A 150 -13.57 -24.19 -1.56
CA ARG A 150 -14.87 -24.46 -2.15
C ARG A 150 -14.74 -25.31 -3.39
N THR A 151 -13.81 -24.95 -4.26
CA THR A 151 -13.77 -25.58 -5.58
C THR A 151 -12.80 -26.77 -5.67
N ASN A 152 -11.76 -26.76 -4.83
CA ASN A 152 -10.66 -27.70 -4.98
C ASN A 152 -10.78 -28.92 -4.08
N LYS A 153 -11.24 -30.03 -4.64
CA LYS A 153 -11.44 -31.26 -3.87
C LYS A 153 -10.14 -31.74 -3.25
N ASN A 154 -9.02 -31.47 -3.90
CA ASN A 154 -7.72 -31.79 -3.35
C ASN A 154 -7.40 -30.95 -2.12
N GLN A 155 -7.83 -29.70 -2.13
CA GLN A 155 -7.58 -28.79 -1.01
C GLN A 155 -8.43 -29.17 0.19
N GLN A 156 -9.55 -29.81 -0.09
CA GLN A 156 -10.42 -30.27 0.98
C GLN A 156 -9.90 -31.55 1.62
N LYS A 157 -9.35 -32.45 0.81
CA LYS A 157 -8.68 -33.63 1.37
C LYS A 157 -7.54 -33.09 2.21
N ALA A 158 -6.90 -32.04 1.69
CA ALA A 158 -5.69 -31.49 2.28
C ALA A 158 -5.99 -30.81 3.61
N SER A 159 -7.03 -30.00 3.63
CA SER A 159 -7.41 -29.25 4.81
C SER A 159 -8.22 -30.07 5.82
N GLU A 160 -8.47 -31.33 5.50
CA GLU A 160 -9.32 -32.19 6.33
C GLU A 160 -8.85 -32.20 7.78
N TYR A 161 -7.54 -32.12 7.97
CA TYR A 161 -6.97 -32.15 9.30
C TYR A 161 -7.50 -31.03 10.19
N MET A 162 -8.16 -30.04 9.59
CA MET A 162 -8.69 -28.89 10.34
C MET A 162 -10.00 -29.22 11.02
N LYS A 163 -10.85 -29.92 10.28
CA LYS A 163 -12.08 -30.46 10.83
C LYS A 163 -11.68 -31.18 12.11
N TRP A 164 -10.52 -31.84 12.03
CA TRP A 164 -10.04 -32.73 13.08
C TRP A 164 -9.50 -31.98 14.31
N PHE A 165 -8.73 -30.93 14.08
CA PHE A 165 -8.18 -30.12 15.16
C PHE A 165 -9.25 -29.50 16.05
N GLN A 166 -10.51 -29.69 15.73
CA GLN A 166 -11.60 -29.13 16.54
C GLN A 166 -11.89 -30.00 17.77
N LYS A 167 -11.63 -31.31 17.63
CA LYS A 167 -11.91 -32.29 18.67
C LYS A 167 -10.93 -32.19 19.85
N GLN A 168 -11.45 -32.35 21.07
CA GLN A 168 -10.59 -32.27 22.25
C GLN A 168 -9.53 -33.34 22.23
N GLU A 169 -9.91 -34.52 21.77
CA GLU A 169 -9.03 -35.67 21.77
C GLU A 169 -7.70 -35.43 21.04
N VAL A 170 -7.63 -34.38 20.21
CA VAL A 170 -6.47 -34.18 19.33
C VAL A 170 -5.15 -33.85 20.03
N GLN A 171 -5.18 -32.97 21.03
CA GLN A 171 -3.95 -32.55 21.69
C GLN A 171 -3.13 -33.71 22.25
N ASP A 172 -3.79 -34.73 22.76
CA ASP A 172 -3.07 -35.89 23.28
C ASP A 172 -2.32 -36.64 22.18
N TYR A 173 -2.83 -36.62 20.95
CA TYR A 173 -2.10 -37.27 19.85
C TYR A 173 -0.76 -36.61 19.65
N MET A 174 -0.72 -35.31 19.91
CA MET A 174 0.46 -34.49 19.67
C MET A 174 1.49 -34.44 20.79
N GLU A 175 1.01 -34.38 22.03
CA GLU A 175 1.88 -34.30 23.20
C GLU A 175 2.30 -35.68 23.66
N ARG A 176 1.36 -36.61 23.61
CA ARG A 176 1.61 -38.01 23.98
C ARG A 176 2.93 -38.54 23.46
N ASP A 177 3.63 -39.25 24.34
CA ASP A 177 4.87 -39.94 24.00
C ASP A 177 5.96 -38.94 23.62
N ASN A 178 6.21 -38.00 24.52
CA ASN A 178 7.23 -37.01 24.25
C ASN A 178 6.96 -36.31 22.91
N PHE A 179 5.71 -35.94 22.70
CA PHE A 179 5.31 -35.20 21.51
C PHE A 179 5.48 -36.02 20.23
N SER A 180 5.27 -37.32 20.31
CA SER A 180 5.32 -38.23 19.16
C SER A 180 4.66 -37.63 17.94
N GLY A 181 3.45 -37.11 18.11
CA GLY A 181 2.65 -36.57 17.02
C GLY A 181 3.34 -35.42 16.31
N LEU A 182 3.82 -34.47 17.11
CA LEU A 182 4.57 -33.32 16.61
C LEU A 182 5.97 -33.67 16.09
N ARG A 183 6.66 -34.58 16.78
CA ARG A 183 7.99 -34.99 16.31
C ARG A 183 7.94 -35.62 14.94
N LYS A 184 6.89 -36.37 14.65
CA LYS A 184 6.85 -37.07 13.37
C LYS A 184 6.35 -36.13 12.31
N LEU A 185 5.54 -35.15 12.71
CA LEU A 185 5.05 -34.14 11.80
C LEU A 185 6.14 -33.21 11.28
N VAL A 186 7.12 -32.90 12.13
CA VAL A 186 8.06 -31.82 11.85
C VAL A 186 9.54 -32.20 12.01
N ILE A 187 9.86 -32.95 13.06
CA ILE A 187 11.25 -33.29 13.38
C ILE A 187 11.83 -34.40 12.49
N ASP A 188 11.05 -35.44 12.27
CA ASP A 188 11.53 -36.59 11.52
C ASP A 188 11.89 -36.22 10.09
N PRO A 189 10.96 -35.54 9.40
CA PRO A 189 11.25 -35.15 8.01
C PRO A 189 12.54 -34.33 7.93
N GLY A 190 12.64 -33.30 8.76
CA GLY A 190 13.71 -32.33 8.69
C GLY A 190 15.05 -32.88 9.10
N VAL A 191 15.04 -33.92 9.93
CA VAL A 191 16.29 -34.54 10.34
C VAL A 191 16.78 -35.38 9.19
N LYS A 192 15.88 -36.15 8.60
CA LYS A 192 16.27 -37.04 7.52
C LYS A 192 16.55 -36.28 6.22
N LYS A 193 15.86 -35.17 5.99
CA LYS A 193 16.17 -34.38 4.79
C LYS A 193 17.41 -33.51 4.97
N GLY A 194 17.76 -33.21 6.22
CA GLY A 194 19.02 -32.56 6.51
C GLY A 194 18.94 -31.08 6.88
N TYR A 195 17.72 -30.55 7.08
CA TYR A 195 17.59 -29.14 7.43
C TYR A 195 17.37 -28.86 8.92
N LEU A 196 17.33 -29.93 9.72
CA LEU A 196 17.32 -29.78 11.17
C LEU A 196 18.62 -30.35 11.79
N THR A 197 19.29 -29.54 12.60
CA THR A 197 20.44 -30.02 13.31
C THR A 197 19.98 -30.60 14.65
N ALA A 198 20.91 -31.19 15.39
CA ALA A 198 20.57 -31.78 16.67
C ALA A 198 20.20 -30.68 17.66
N ASP A 199 20.71 -29.47 17.43
CA ASP A 199 20.36 -28.34 18.27
C ASP A 199 19.04 -27.75 17.83
N ASP A 200 18.76 -27.78 16.53
CA ASP A 200 17.45 -27.37 16.05
C ASP A 200 16.42 -28.24 16.74
N VAL A 201 16.78 -29.51 16.94
CA VAL A 201 15.80 -30.46 17.44
C VAL A 201 15.59 -30.25 18.93
N GLN A 202 16.66 -29.86 19.63
CA GLN A 202 16.49 -29.59 21.04
C GLN A 202 15.66 -28.31 21.16
N ALA A 203 15.91 -27.39 20.24
CA ALA A 203 15.20 -26.11 20.21
C ALA A 203 13.68 -26.30 20.17
N TYR A 204 13.24 -27.23 19.32
CA TYR A 204 11.83 -27.48 19.08
C TYR A 204 11.18 -28.15 20.26
N MET A 205 11.84 -29.19 20.76
CA MET A 205 11.38 -29.91 21.93
C MET A 205 11.17 -28.97 23.11
N ASN A 206 12.11 -28.07 23.31
CA ASN A 206 11.98 -27.08 24.37
C ASN A 206 10.81 -26.16 24.12
N SER A 207 10.62 -25.77 22.88
CA SER A 207 9.57 -24.81 22.57
C SER A 207 8.20 -25.40 22.85
N TRP A 208 8.05 -26.70 22.60
CA TRP A 208 6.79 -27.38 22.86
C TRP A 208 6.58 -27.63 24.35
N GLU A 209 7.70 -27.78 25.08
CA GLU A 209 7.67 -27.92 26.53
C GLU A 209 7.28 -26.60 27.16
N ASN A 210 7.71 -25.52 26.54
CA ASN A 210 7.54 -24.21 27.11
C ASN A 210 6.28 -23.51 26.67
N GLY A 211 5.79 -23.85 25.46
CA GLY A 211 4.55 -23.29 24.97
C GLY A 211 3.41 -24.21 25.34
N SER A 212 2.18 -23.85 24.96
CA SER A 212 1.02 -24.70 25.23
C SER A 212 0.31 -25.18 23.97
N VAL A 213 0.27 -26.50 23.77
CA VAL A 213 -0.39 -27.04 22.57
C VAL A 213 -1.88 -26.70 22.56
N LEU A 214 -2.47 -26.58 23.74
CA LEU A 214 -3.85 -26.12 23.85
C LEU A 214 -4.07 -24.76 23.15
N SER A 215 -3.30 -23.74 23.52
CA SER A 215 -3.41 -22.44 22.86
C SER A 215 -3.02 -22.50 21.38
N MET A 216 -1.99 -23.29 21.06
CA MET A 216 -1.67 -23.53 19.66
C MET A 216 -2.91 -24.00 18.91
N LEU A 217 -3.66 -24.92 19.50
CA LEU A 217 -4.87 -25.45 18.87
C LEU A 217 -6.00 -24.45 18.82
N SER A 218 -6.03 -23.55 19.80
CA SER A 218 -7.12 -22.61 19.94
C SER A 218 -7.22 -21.65 18.76
N TYR A 219 -6.13 -21.47 18.04
CA TYR A 219 -6.12 -20.64 16.85
C TYR A 219 -7.14 -21.21 15.85
N TYR A 220 -7.15 -22.52 15.70
CA TYR A 220 -8.05 -23.17 14.76
C TYR A 220 -9.50 -23.22 15.24
N ARG A 221 -9.72 -23.28 16.56
CA ARG A 221 -11.08 -23.43 17.08
C ARG A 221 -11.88 -22.16 16.89
N ASN A 222 -11.29 -21.17 16.24
CA ASN A 222 -11.96 -19.90 15.96
C ASN A 222 -12.18 -19.74 14.47
N LEU A 223 -11.62 -20.68 13.72
CA LEU A 223 -11.74 -20.64 12.27
C LEU A 223 -13.18 -20.86 11.86
N LYS A 224 -13.70 -19.93 11.06
CA LYS A 224 -15.06 -20.03 10.56
C LYS A 224 -15.10 -20.55 9.12
N ILE A 225 -14.74 -21.82 8.97
CA ILE A 225 -14.59 -22.42 7.65
C ILE A 225 -15.27 -23.77 7.61
N PHE A 226 -16.28 -23.96 8.45
CA PHE A 226 -16.81 -25.31 8.59
C PHE A 226 -18.27 -25.46 8.14
N THR A 227 -19.14 -24.66 8.71
CA THR A 227 -20.53 -24.62 8.27
C THR A 227 -20.63 -24.16 6.81
N GLU A 228 -21.59 -24.70 6.07
CA GLU A 228 -21.76 -24.31 4.67
C GLU A 228 -21.97 -22.79 4.52
N GLU A 229 -22.58 -22.18 5.54
CA GLU A 229 -22.84 -20.74 5.56
C GLU A 229 -21.57 -19.96 5.90
N ASP A 230 -20.60 -20.68 6.47
CA ASP A 230 -19.27 -20.17 6.74
C ASP A 230 -18.46 -20.12 5.45
N LEU A 231 -18.57 -21.18 4.66
CA LEU A 231 -17.77 -21.25 3.44
C LEU A 231 -18.27 -20.30 2.34
N ARG A 232 -19.46 -19.73 2.55
CA ARG A 232 -20.05 -18.88 1.53
C ARG A 232 -19.26 -17.57 1.32
N ARG A 233 -18.73 -17.02 2.42
CA ARG A 233 -18.11 -15.69 2.41
C ARG A 233 -16.86 -15.58 1.53
N LYS A 234 -16.48 -14.34 1.21
CA LYS A 234 -15.39 -14.12 0.27
C LYS A 234 -14.00 -14.31 0.91
N SER A 235 -13.84 -13.77 2.10
CA SER A 235 -12.55 -13.73 2.75
C SER A 235 -12.46 -14.63 3.98
N LEU A 236 -11.31 -15.27 4.14
CA LEU A 236 -11.04 -16.18 5.25
C LEU A 236 -11.30 -15.53 6.63
N PHE A 237 -10.82 -14.32 6.80
CA PHE A 237 -11.20 -13.49 7.92
C PHE A 237 -11.85 -12.25 7.32
N PRO A 238 -12.69 -11.56 8.10
CA PRO A 238 -13.41 -10.42 7.55
C PRO A 238 -12.47 -9.31 7.07
N LEU A 239 -12.78 -8.77 5.89
CA LEU A 239 -11.95 -7.73 5.28
C LEU A 239 -12.77 -6.75 4.43
N GLU A 240 -12.65 -5.47 4.72
CA GLU A 240 -13.30 -4.49 3.85
C GLU A 240 -12.60 -4.35 2.50
N GLU A 241 -11.27 -4.29 2.52
CA GLU A 241 -10.53 -4.13 1.27
C GLU A 241 -10.28 -5.48 0.58
N GLU A 242 -10.37 -5.46 -0.75
CA GLU A 242 -10.26 -6.68 -1.54
C GLU A 242 -9.04 -6.62 -2.48
N VAL A 243 -8.18 -5.64 -2.25
CA VAL A 243 -6.97 -5.49 -3.03
C VAL A 243 -5.84 -5.00 -2.15
N LEU A 244 -4.67 -5.62 -2.29
CA LEU A 244 -3.49 -5.17 -1.55
C LEU A 244 -2.46 -4.69 -2.55
N ASN A 245 -2.05 -3.43 -2.42
CA ASN A 245 -1.23 -2.79 -3.44
C ASN A 245 0.27 -2.61 -3.15
N ILE A 246 0.71 -3.01 -1.96
CA ILE A 246 2.14 -2.93 -1.62
C ILE A 246 2.92 -4.00 -2.38
N PRO A 247 4.24 -3.85 -2.46
CA PRO A 247 5.05 -4.89 -3.11
C PRO A 247 4.98 -6.18 -2.31
N VAL A 248 4.58 -7.26 -2.96
CA VAL A 248 4.51 -8.55 -2.28
C VAL A 248 5.28 -9.61 -3.05
N GLN A 249 5.88 -10.53 -2.29
CA GLN A 249 6.67 -11.63 -2.80
C GLN A 249 6.11 -12.93 -2.22
N ILE A 250 5.79 -13.89 -3.08
CA ILE A 250 5.47 -15.24 -2.59
C ILE A 250 6.67 -16.16 -2.82
N ILE A 251 7.12 -16.79 -1.74
CA ILE A 251 8.12 -17.85 -1.80
C ILE A 251 7.44 -19.15 -1.33
N TRP A 252 7.33 -20.11 -2.24
CA TRP A 252 6.35 -21.18 -2.08
C TRP A 252 6.93 -22.57 -2.28
N GLY A 253 6.73 -23.43 -1.27
CA GLY A 253 7.17 -24.79 -1.35
C GLY A 253 6.19 -25.60 -2.17
N ASN A 254 6.56 -25.90 -3.41
CA ASN A 254 5.64 -26.58 -4.34
C ASN A 254 5.13 -27.93 -3.87
N GLN A 255 5.88 -28.59 -3.00
CA GLN A 255 5.47 -29.91 -2.56
C GLN A 255 4.82 -29.95 -1.19
N ASP A 256 4.10 -28.90 -0.84
CA ASP A 256 3.50 -28.85 0.48
C ASP A 256 2.17 -29.58 0.52
N PRO A 257 2.09 -30.59 1.39
CA PRO A 257 0.91 -31.41 1.65
C PRO A 257 -0.33 -30.58 2.01
N THR A 258 -0.17 -29.53 2.82
CA THR A 258 -1.32 -28.79 3.37
C THR A 258 -1.90 -27.69 2.50
N PHE A 259 -1.14 -27.24 1.50
CA PHE A 259 -1.60 -26.21 0.55
C PHE A 259 -1.40 -26.61 -0.89
N MET A 260 -2.50 -26.73 -1.62
CA MET A 260 -2.42 -27.03 -3.05
C MET A 260 -1.95 -25.80 -3.82
N PRO A 261 -1.31 -26.03 -4.96
CA PRO A 261 -0.75 -24.98 -5.81
C PRO A 261 -1.81 -23.99 -6.28
N GLU A 262 -3.04 -24.45 -6.46
CA GLU A 262 -4.09 -23.60 -7.02
C GLU A 262 -4.29 -22.37 -6.16
N ASN A 263 -3.79 -22.43 -4.93
CA ASN A 263 -3.86 -21.29 -4.04
C ASN A 263 -3.23 -20.01 -4.63
N LEU A 264 -2.28 -20.17 -5.54
CA LEU A 264 -1.61 -19.01 -6.10
C LEU A 264 -2.25 -18.54 -7.42
N ASP A 265 -3.31 -19.26 -7.83
CA ASP A 265 -3.98 -18.94 -9.09
C ASP A 265 -4.72 -17.60 -9.03
N GLY A 266 -4.51 -16.78 -10.05
CA GLY A 266 -5.21 -15.52 -10.20
C GLY A 266 -5.04 -14.61 -9.00
N ILE A 267 -3.93 -14.83 -8.30
CA ILE A 267 -3.62 -14.09 -7.09
C ILE A 267 -3.38 -12.58 -7.35
N GLU A 268 -2.91 -12.23 -8.54
CA GLU A 268 -2.61 -10.83 -8.87
C GLU A 268 -3.85 -9.94 -8.84
N GLU A 269 -5.01 -10.53 -9.11
CA GLU A 269 -6.27 -9.83 -8.94
C GLU A 269 -6.45 -9.26 -7.51
N TYR A 270 -5.85 -9.92 -6.52
CA TYR A 270 -6.04 -9.57 -5.13
C TYR A 270 -4.79 -8.90 -4.61
N VAL A 271 -3.69 -9.19 -5.29
CA VAL A 271 -2.42 -8.50 -5.04
C VAL A 271 -1.82 -8.08 -6.38
N PRO A 272 -2.27 -6.94 -6.91
CA PRO A 272 -1.50 -6.52 -8.08
C PRO A 272 -0.12 -6.20 -7.56
N ASN A 273 0.94 -6.26 -8.36
CA ASN A 273 2.29 -5.95 -7.83
C ASN A 273 2.98 -7.11 -7.09
N ILE A 274 2.56 -8.34 -7.35
CA ILE A 274 3.19 -9.49 -6.71
C ILE A 274 4.25 -10.13 -7.59
N SER A 275 5.25 -10.73 -6.94
CA SER A 275 6.20 -11.64 -7.56
C SER A 275 6.08 -13.01 -6.89
N VAL A 276 6.27 -14.08 -7.64
CA VAL A 276 6.08 -15.42 -7.08
C VAL A 276 7.23 -16.35 -7.41
N HIS A 277 7.80 -16.96 -6.37
CA HIS A 277 8.85 -17.95 -6.56
C HIS A 277 8.39 -19.31 -6.04
N ARG A 278 8.35 -20.31 -6.91
CA ARG A 278 7.94 -21.65 -6.51
C ARG A 278 9.16 -22.57 -6.47
N LEU A 279 9.41 -23.12 -5.30
CA LEU A 279 10.41 -24.17 -5.17
C LEU A 279 9.75 -25.52 -5.44
N ALA A 280 10.13 -26.15 -6.54
CA ALA A 280 9.50 -27.41 -6.91
C ALA A 280 9.97 -28.47 -5.93
N GLU A 281 11.08 -28.17 -5.28
CA GLU A 281 11.72 -29.15 -4.40
C GLU A 281 11.21 -29.05 -2.96
N ALA A 282 11.11 -27.81 -2.46
CA ALA A 282 10.79 -27.56 -1.06
C ALA A 282 9.31 -27.74 -0.77
N SER A 283 9.00 -27.93 0.51
CA SER A 283 7.67 -28.29 0.93
C SER A 283 7.06 -27.11 1.72
N HIS A 284 6.40 -27.40 2.83
CA HIS A 284 5.71 -26.40 3.67
C HIS A 284 6.56 -25.21 4.15
N ALA A 285 7.74 -25.47 4.69
CA ALA A 285 8.54 -24.41 5.30
C ALA A 285 9.84 -24.11 4.55
N PRO A 286 9.72 -23.57 3.33
CA PRO A 286 10.89 -23.23 2.50
C PRO A 286 12.00 -22.51 3.26
N GLN A 287 11.62 -21.66 4.20
CA GLN A 287 12.58 -20.73 4.76
C GLN A 287 13.74 -21.45 5.42
N HIS A 288 13.48 -22.59 6.06
CA HIS A 288 14.58 -23.42 6.59
C HIS A 288 14.86 -24.75 5.87
N GLU A 289 14.06 -25.06 4.84
CA GLU A 289 14.32 -26.22 3.99
CA GLU A 289 14.33 -26.22 4.00
C GLU A 289 15.42 -25.89 2.99
N LYS A 290 15.28 -24.76 2.31
CA LYS A 290 16.23 -24.31 1.30
C LYS A 290 16.65 -22.88 1.63
N PRO A 291 17.42 -22.69 2.72
CA PRO A 291 17.68 -21.31 3.14
C PRO A 291 18.37 -20.40 2.11
N GLN A 292 19.40 -20.89 1.43
CA GLN A 292 20.20 -20.00 0.58
C GLN A 292 19.42 -19.53 -0.63
N GLU A 293 18.57 -20.40 -1.15
CA GLU A 293 17.71 -20.05 -2.27
C GLU A 293 16.66 -19.03 -1.86
N VAL A 294 15.99 -19.33 -0.75
CA VAL A 294 14.98 -18.46 -0.21
C VAL A 294 15.62 -17.12 0.08
N ASN A 295 16.84 -17.15 0.60
CA ASN A 295 17.53 -15.93 0.93
C ASN A 295 17.86 -15.06 -0.28
N ASN A 296 18.20 -15.70 -1.41
CA ASN A 296 18.61 -14.92 -2.58
C ASN A 296 17.40 -14.32 -3.31
N VAL A 297 16.29 -15.05 -3.31
CA VAL A 297 15.01 -14.56 -3.82
C VAL A 297 14.59 -13.35 -3.00
N MET A 298 14.75 -13.46 -1.67
CA MET A 298 14.46 -12.35 -0.77
C MET A 298 15.30 -11.12 -1.13
N TRP A 299 16.61 -11.28 -1.19
CA TRP A 299 17.51 -10.19 -1.61
C TRP A 299 17.01 -9.49 -2.85
N ASN A 300 16.76 -10.27 -3.88
CA ASN A 300 16.38 -9.75 -5.17
C ASN A 300 15.13 -8.93 -5.02
N PHE A 301 14.14 -9.52 -4.35
CA PHE A 301 12.87 -8.82 -4.12
C PHE A 301 13.05 -7.51 -3.34
N LEU A 302 13.87 -7.56 -2.30
CA LEU A 302 14.12 -6.38 -1.47
C LEU A 302 14.76 -5.22 -2.25
N ASN A 303 15.42 -5.54 -3.36
CA ASN A 303 16.09 -4.48 -4.10
C ASN A 303 15.42 -4.07 -5.40
N LYS A 304 14.43 -4.84 -5.85
CA LYS A 304 13.62 -4.45 -7.02
C LYS A 304 12.99 -3.06 -6.84
N GLN B 21 -19.72 12.87 -22.00
CA GLN B 21 -19.65 11.92 -20.88
C GLN B 21 -19.58 12.53 -19.46
N TYR B 22 -20.51 12.09 -18.61
CA TYR B 22 -20.59 12.61 -17.24
C TYR B 22 -20.77 11.45 -16.26
N ILE B 23 -20.10 11.54 -15.10
CA ILE B 23 -20.33 10.59 -14.02
C ILE B 23 -20.83 11.33 -12.78
N ASN B 24 -21.87 10.79 -12.14
CA ASN B 24 -22.50 11.49 -11.03
C ASN B 24 -22.12 10.92 -9.67
N VAL B 25 -21.18 11.58 -8.99
CA VAL B 25 -20.64 11.08 -7.73
C VAL B 25 -20.84 12.10 -6.63
N ASN B 26 -20.73 11.65 -5.37
CA ASN B 26 -20.68 12.53 -4.20
C ASN B 26 -21.57 13.77 -4.34
N GLY B 27 -22.72 13.59 -4.99
CA GLY B 27 -23.69 14.66 -5.17
C GLY B 27 -23.34 15.78 -6.16
N VAL B 28 -22.63 15.42 -7.23
CA VAL B 28 -22.33 16.35 -8.31
C VAL B 28 -22.11 15.58 -9.59
N ASN B 29 -22.35 16.24 -10.71
CA ASN B 29 -22.07 15.67 -12.02
C ASN B 29 -20.67 16.06 -12.48
N LEU B 30 -19.87 15.07 -12.87
CA LEU B 30 -18.53 15.39 -13.30
C LEU B 30 -18.32 15.00 -14.76
N HIS B 31 -17.80 15.95 -15.53
CA HIS B 31 -17.41 15.66 -16.91
C HIS B 31 -16.07 14.96 -16.94
N TYR B 32 -15.80 14.20 -17.99
CA TYR B 32 -14.52 13.54 -18.12
C TYR B 32 -14.31 13.01 -19.52
N ILE B 33 -13.04 12.91 -19.92
CA ILE B 33 -12.69 12.31 -21.19
C ILE B 33 -12.27 10.87 -20.95
N SER B 34 -12.96 9.94 -21.61
CA SER B 34 -12.61 8.54 -21.54
C SER B 34 -11.93 8.15 -22.86
N LYS B 35 -11.16 7.07 -22.84
CA LYS B 35 -10.56 6.57 -24.08
C LYS B 35 -9.82 5.25 -23.87
N GLY B 36 -10.33 4.18 -24.47
CA GLY B 36 -9.62 2.93 -24.45
C GLY B 36 -10.32 1.84 -23.67
N GLN B 37 -9.63 0.72 -23.50
CA GLN B 37 -10.14 -0.43 -22.77
C GLN B 37 -9.11 -0.97 -21.80
N GLY B 38 -9.55 -1.37 -20.61
CA GLY B 38 -8.70 -2.16 -19.74
C GLY B 38 -8.67 -1.80 -18.26
N GLU B 39 -7.48 -1.84 -17.67
CA GLU B 39 -7.26 -1.34 -16.32
C GLU B 39 -7.48 0.16 -16.33
N LEU B 40 -8.00 0.71 -15.22
CA LEU B 40 -8.24 2.15 -15.12
C LEU B 40 -6.95 2.93 -14.85
N MET B 41 -6.68 3.93 -15.68
CA MET B 41 -5.63 4.90 -15.42
C MET B 41 -6.27 6.27 -15.32
N LEU B 42 -6.41 6.78 -14.10
CA LEU B 42 -7.21 7.97 -13.81
C LEU B 42 -6.34 9.21 -13.67
N PHE B 43 -6.58 10.21 -14.53
CA PHE B 43 -5.79 11.46 -14.50
C PHE B 43 -6.47 12.54 -13.71
N LEU B 44 -5.74 13.16 -12.78
CA LEU B 44 -6.26 14.29 -12.01
C LEU B 44 -5.45 15.57 -12.24
N HIS B 45 -6.11 16.56 -12.87
CA HIS B 45 -5.50 17.84 -13.21
C HIS B 45 -5.50 18.77 -12.01
N GLY B 46 -4.92 19.96 -12.18
CA GLY B 46 -4.96 20.99 -11.16
C GLY B 46 -5.41 22.31 -11.73
N PHE B 47 -4.89 23.40 -11.18
CA PHE B 47 -5.28 24.77 -11.55
C PHE B 47 -4.21 25.43 -12.40
N PRO B 48 -4.61 26.20 -13.41
CA PRO B 48 -5.99 26.40 -13.85
C PRO B 48 -6.32 25.58 -15.10
N ASP B 49 -6.07 24.27 -15.07
CA ASP B 49 -6.24 23.47 -16.27
C ASP B 49 -7.54 22.70 -16.22
N PHE B 50 -7.50 21.51 -16.80
CA PHE B 50 -8.64 20.61 -16.88
C PHE B 50 -8.20 19.36 -17.65
N SER B 51 -9.15 18.48 -17.93
CA SER B 51 -8.85 17.19 -18.54
C SER B 51 -7.87 17.26 -19.72
N HIS B 52 -7.90 18.39 -20.42
CA HIS B 52 -7.07 18.57 -21.61
C HIS B 52 -5.55 18.43 -21.40
N ILE B 53 -5.04 18.88 -20.26
CA ILE B 53 -3.60 18.86 -20.03
C ILE B 53 -3.01 17.47 -20.20
N TRP B 54 -3.86 16.45 -20.13
CA TRP B 54 -3.41 15.07 -20.20
C TRP B 54 -3.50 14.48 -21.59
N ARG B 55 -3.60 15.35 -22.59
CA ARG B 55 -3.94 14.88 -23.93
C ARG B 55 -2.97 13.86 -24.48
N HIS B 56 -1.68 14.10 -24.30
CA HIS B 56 -0.64 13.24 -24.87
C HIS B 56 -0.54 11.88 -24.18
N GLN B 57 -0.94 11.84 -22.92
CA GLN B 57 -0.88 10.63 -22.12
C GLN B 57 -2.08 9.79 -22.43
N ILE B 58 -3.17 10.46 -22.80
CA ILE B 58 -4.38 9.77 -23.24
C ILE B 58 -4.17 9.09 -24.58
N ASP B 59 -3.46 9.76 -25.50
CA ASP B 59 -3.06 9.15 -26.77
C ASP B 59 -2.23 7.92 -26.51
N GLU B 60 -1.10 8.12 -25.85
CA GLU B 60 -0.13 7.06 -25.58
C GLU B 60 -0.71 5.79 -24.94
N PHE B 61 -1.45 5.94 -23.85
CA PHE B 61 -1.80 4.79 -23.02
C PHE B 61 -3.21 4.22 -23.24
N SER B 62 -4.05 4.95 -23.97
CA SER B 62 -5.40 4.48 -24.29
C SER B 62 -5.38 3.19 -25.09
N ASN B 63 -4.20 2.71 -25.42
CA ASN B 63 -4.07 1.46 -26.15
C ASN B 63 -4.06 0.28 -25.21
N ASP B 64 -3.24 0.36 -24.16
CA ASP B 64 -3.11 -0.72 -23.18
C ASP B 64 -3.93 -0.46 -21.91
N PHE B 65 -4.52 0.72 -21.83
CA PHE B 65 -5.30 1.09 -20.65
C PHE B 65 -6.63 1.70 -21.02
N HIS B 66 -7.53 1.73 -20.06
CA HIS B 66 -8.70 2.59 -20.12
C HIS B 66 -8.33 3.92 -19.48
N THR B 67 -7.90 4.89 -20.31
CA THR B 67 -7.46 6.21 -19.82
C THR B 67 -8.62 7.18 -19.62
N VAL B 68 -8.66 7.77 -18.44
CA VAL B 68 -9.77 8.62 -18.07
C VAL B 68 -9.27 9.84 -17.35
N ALA B 69 -9.63 11.01 -17.89
CA ALA B 69 -9.22 12.29 -17.32
C ALA B 69 -10.45 13.05 -16.88
N LEU B 70 -10.44 13.44 -15.61
CA LEU B 70 -11.59 14.01 -14.93
C LEU B 70 -11.54 15.53 -14.99
N ASP B 71 -12.72 16.16 -15.06
CA ASP B 71 -12.83 17.59 -14.77
C ASP B 71 -13.24 17.76 -13.31
N LEU B 72 -12.35 18.31 -12.48
CA LEU B 72 -12.67 18.45 -11.07
C LEU B 72 -13.86 19.38 -10.86
N ARG B 73 -14.39 19.41 -9.64
CA ARG B 73 -15.55 20.24 -9.34
C ARG B 73 -15.25 21.64 -9.78
N GLY B 74 -16.23 22.29 -10.38
CA GLY B 74 -16.10 23.70 -10.74
C GLY B 74 -15.25 23.99 -11.95
N TYR B 75 -14.53 22.99 -12.46
CA TYR B 75 -13.75 23.14 -13.69
C TYR B 75 -14.56 22.71 -14.91
N ASN B 76 -14.57 23.55 -15.94
CA ASN B 76 -15.10 23.18 -17.24
C ASN B 76 -16.58 22.73 -17.26
N LEU B 77 -16.83 21.54 -17.78
CA LEU B 77 -18.20 21.05 -17.94
C LEU B 77 -18.62 20.20 -16.75
N SER B 78 -17.93 20.33 -15.63
CA SER B 78 -18.34 19.68 -14.39
C SER B 78 -19.15 20.64 -13.54
N GLU B 79 -20.00 20.12 -12.65
CA GLU B 79 -20.85 20.96 -11.81
C GLU B 79 -20.08 22.03 -11.05
N LYS B 80 -20.71 23.18 -10.84
CA LYS B 80 -20.12 24.25 -10.05
C LYS B 80 -20.91 24.46 -8.78
N PRO B 81 -20.90 23.46 -7.87
CA PRO B 81 -21.74 23.54 -6.68
C PRO B 81 -21.38 24.76 -5.83
N SER B 82 -22.37 25.32 -5.15
CA SER B 82 -22.17 26.52 -4.35
C SER B 82 -21.65 26.18 -2.98
N GLY B 83 -21.02 27.15 -2.33
CA GLY B 83 -20.55 26.97 -0.97
C GLY B 83 -19.08 26.61 -0.83
N LEU B 84 -18.35 27.45 -0.13
CA LEU B 84 -16.95 27.22 0.18
C LEU B 84 -16.67 25.80 0.67
N GLU B 85 -17.65 25.18 1.30
CA GLU B 85 -17.51 23.86 1.88
C GLU B 85 -17.50 22.77 0.82
N SER B 86 -17.95 23.11 -0.39
CA SER B 86 -18.02 22.15 -1.48
C SER B 86 -16.65 21.88 -2.09
N TYR B 87 -15.62 22.50 -1.52
CA TYR B 87 -14.27 22.48 -2.09
C TYR B 87 -13.24 22.10 -1.03
N GLU B 88 -13.68 21.32 -0.05
CA GLU B 88 -12.78 20.81 1.00
C GLU B 88 -12.16 19.49 0.63
N ILE B 89 -10.93 19.29 1.11
CA ILE B 89 -10.16 18.10 0.80
C ILE B 89 -10.99 16.83 0.96
N ASP B 90 -11.69 16.70 2.07
CA ASP B 90 -12.54 15.53 2.30
C ASP B 90 -13.51 15.29 1.15
N VAL B 91 -14.26 16.33 0.80
CA VAL B 91 -15.24 16.27 -0.29
C VAL B 91 -14.58 15.81 -1.60
N LEU B 92 -13.54 16.54 -2.02
CA LEU B 92 -12.79 16.24 -3.24
C LEU B 92 -12.27 14.81 -3.22
N VAL B 93 -11.53 14.46 -2.18
CA VAL B 93 -11.16 13.06 -1.94
C VAL B 93 -12.31 12.05 -2.20
N GLU B 94 -13.49 12.32 -1.65
CA GLU B 94 -14.59 11.38 -1.83
C GLU B 94 -15.05 11.28 -3.29
N ASP B 95 -14.98 12.39 -4.01
CA ASP B 95 -15.29 12.39 -5.45
C ASP B 95 -14.47 11.29 -6.13
N ILE B 96 -13.16 11.32 -5.90
CA ILE B 96 -12.22 10.34 -6.45
C ILE B 96 -12.63 8.91 -6.12
N ARG B 97 -12.86 8.64 -4.84
CA ARG B 97 -13.26 7.29 -4.42
C ARG B 97 -14.47 6.85 -5.25
N GLN B 98 -15.47 7.72 -5.35
CA GLN B 98 -16.72 7.39 -6.04
C GLN B 98 -16.57 7.30 -7.55
N VAL B 99 -15.60 8.01 -8.09
CA VAL B 99 -15.37 7.96 -9.52
C VAL B 99 -14.87 6.56 -9.90
N ILE B 100 -13.94 6.06 -9.11
CA ILE B 100 -13.31 4.78 -9.36
C ILE B 100 -14.33 3.65 -9.30
N GLU B 101 -15.12 3.62 -8.22
CA GLU B 101 -16.24 2.70 -8.11
C GLU B 101 -17.23 2.98 -9.24
N GLY B 102 -17.58 4.25 -9.42
CA GLY B 102 -18.49 4.69 -10.47
C GLY B 102 -18.22 4.09 -11.84
N LEU B 103 -16.94 3.98 -12.21
CA LEU B 103 -16.55 3.38 -13.48
C LEU B 103 -16.41 1.86 -13.37
N GLY B 104 -16.77 1.32 -12.20
CA GLY B 104 -16.76 -0.11 -11.99
C GLY B 104 -15.37 -0.71 -11.79
N TYR B 105 -14.55 0.00 -11.02
CA TYR B 105 -13.25 -0.51 -10.62
C TYR B 105 -13.11 -0.54 -9.11
N SER B 106 -12.16 -1.33 -8.64
CA SER B 106 -11.90 -1.42 -7.21
C SER B 106 -10.60 -0.68 -6.91
N SER B 107 -9.68 -0.72 -7.87
CA SER B 107 -8.43 0.01 -7.78
C SER B 107 -8.07 0.62 -9.13
N CYS B 108 -6.97 1.37 -9.17
CA CYS B 108 -6.53 2.00 -10.40
C CYS B 108 -5.09 2.47 -10.31
N THR B 109 -4.55 2.87 -11.45
CA THR B 109 -3.35 3.69 -11.47
C THR B 109 -3.81 5.15 -11.53
N LEU B 110 -3.19 5.98 -10.69
CA LEU B 110 -3.62 7.35 -10.50
C LEU B 110 -2.49 8.26 -10.91
N VAL B 111 -2.79 9.18 -11.82
CA VAL B 111 -1.79 10.09 -12.33
C VAL B 111 -2.28 11.50 -12.00
N VAL B 112 -1.40 12.29 -11.37
CA VAL B 112 -1.82 13.51 -10.70
C VAL B 112 -0.85 14.71 -10.86
N HIS B 113 -1.42 15.91 -10.88
CA HIS B 113 -0.64 17.13 -11.08
C HIS B 113 -1.29 18.29 -10.32
N ASP B 114 -0.46 19.13 -9.69
CA ASP B 114 -0.92 20.37 -9.05
C ASP B 114 -1.97 20.12 -7.96
N TRP B 115 -3.16 20.69 -8.12
CA TRP B 115 -4.27 20.43 -7.21
C TRP B 115 -4.67 18.97 -7.28
N GLY B 116 -4.60 18.40 -8.47
CA GLY B 116 -4.91 17.00 -8.67
C GLY B 116 -4.03 16.11 -7.82
N ALA B 117 -2.80 16.56 -7.57
CA ALA B 117 -1.87 15.82 -6.73
C ALA B 117 -2.14 16.06 -5.26
N GLY B 118 -2.45 17.31 -4.90
CA GLY B 118 -2.83 17.63 -3.53
C GLY B 118 -3.93 16.68 -3.07
N ILE B 119 -4.94 16.53 -3.91
CA ILE B 119 -6.01 15.57 -3.69
C ILE B 119 -5.49 14.14 -3.83
N GLY B 120 -4.75 13.91 -4.91
CA GLY B 120 -4.35 12.57 -5.31
C GLY B 120 -3.49 11.87 -4.30
N TRP B 121 -2.51 12.59 -3.77
CA TRP B 121 -1.66 12.10 -2.70
C TRP B 121 -2.48 11.70 -1.48
N THR B 122 -3.39 12.59 -1.07
CA THR B 122 -4.19 12.41 0.14
C THR B 122 -5.09 11.20 0.00
N PHE B 123 -5.71 11.03 -1.17
CA PHE B 123 -6.53 9.85 -1.45
C PHE B 123 -5.68 8.58 -1.36
N ALA B 124 -4.53 8.63 -2.03
CA ALA B 124 -3.54 7.58 -1.96
C ALA B 124 -3.25 7.15 -0.53
N TYR B 125 -2.84 8.09 0.32
CA TYR B 125 -2.59 7.77 1.73
C TYR B 125 -3.80 7.14 2.40
N ARG B 126 -4.98 7.75 2.27
CA ARG B 126 -6.16 7.27 2.98
C ARG B 126 -6.70 5.97 2.40
N TYR B 127 -6.69 5.84 1.07
CA TYR B 127 -7.21 4.64 0.42
C TYR B 127 -6.21 3.87 -0.43
N PRO B 128 -5.15 3.34 0.21
CA PRO B 128 -4.15 2.67 -0.63
C PRO B 128 -4.69 1.41 -1.27
N GLU B 129 -5.83 0.90 -0.81
CA GLU B 129 -6.40 -0.30 -1.42
C GLU B 129 -6.92 0.01 -2.82
N TYR B 130 -7.15 1.30 -3.08
CA TYR B 130 -7.71 1.74 -4.36
C TYR B 130 -6.63 2.09 -5.40
N VAL B 131 -5.40 2.36 -4.96
CA VAL B 131 -4.36 2.79 -5.88
C VAL B 131 -3.24 1.77 -6.00
N GLN B 132 -3.04 1.26 -7.22
CA GLN B 132 -2.04 0.24 -7.50
C GLN B 132 -0.65 0.84 -7.68
N LYS B 133 -0.59 1.90 -8.47
CA LYS B 133 0.63 2.67 -8.64
C LYS B 133 0.19 4.14 -8.67
N LEU B 134 1.10 5.04 -8.30
CA LEU B 134 0.83 6.47 -8.29
C LEU B 134 1.92 7.21 -9.06
N ILE B 135 1.55 7.84 -10.17
CA ILE B 135 2.45 8.73 -10.88
C ILE B 135 2.05 10.16 -10.54
N ALA B 136 3.00 10.90 -9.99
CA ALA B 136 2.74 12.26 -9.49
C ALA B 136 3.69 13.26 -10.13
N PHE B 137 3.12 14.30 -10.73
CA PHE B 137 3.90 15.39 -11.31
C PHE B 137 3.91 16.51 -10.30
N ASN B 138 4.53 17.64 -10.65
CA ASN B 138 4.62 18.79 -9.73
C ASN B 138 3.33 19.07 -8.97
N GLY B 139 3.46 19.29 -7.67
CA GLY B 139 2.30 19.43 -6.82
C GLY B 139 2.73 19.14 -5.40
N PRO B 140 1.88 19.47 -4.43
CA PRO B 140 2.26 19.37 -3.01
C PRO B 140 2.20 17.94 -2.46
N HIS B 141 3.29 17.46 -1.88
CA HIS B 141 3.24 16.22 -1.12
C HIS B 141 2.84 16.57 0.32
N PRO B 142 1.81 15.87 0.86
CA PRO B 142 1.20 16.24 2.15
C PRO B 142 2.20 16.51 3.28
N TYR B 143 3.37 15.88 3.25
CA TYR B 143 4.33 16.03 4.34
C TYR B 143 5.47 17.02 4.07
N THR B 144 6.11 16.89 2.93
CA THR B 144 7.24 17.75 2.60
C THR B 144 6.77 19.18 2.27
N ALA B 145 5.50 19.31 1.89
CA ALA B 145 4.95 20.61 1.46
C ALA B 145 4.97 21.65 2.58
N MET B 146 4.45 21.24 3.73
CA MET B 146 4.43 22.10 4.92
C MET B 146 5.86 22.43 5.34
N ARG B 147 6.71 21.40 5.33
CA ARG B 147 8.08 21.52 5.76
C ARG B 147 8.83 22.62 5.02
N GLU B 148 8.68 22.69 3.69
CA GLU B 148 9.36 23.72 2.91
C GLU B 148 8.80 25.11 3.19
N LEU B 149 7.48 25.20 3.36
CA LEU B 149 6.85 26.48 3.72
C LEU B 149 7.36 27.02 5.05
N ARG B 150 7.58 26.12 6.01
CA ARG B 150 8.24 26.51 7.27
C ARG B 150 9.66 27.05 7.07
N THR B 151 10.52 26.32 6.37
CA THR B 151 11.94 26.58 6.35
C THR B 151 12.49 27.22 5.08
N ASN B 152 12.03 26.72 3.93
CA ASN B 152 12.53 27.20 2.63
C ASN B 152 12.06 28.61 2.32
N LYS B 153 12.99 29.57 2.37
CA LYS B 153 12.63 30.98 2.17
C LYS B 153 12.28 31.28 0.71
N ASN B 154 12.81 30.47 -0.21
CA ASN B 154 12.41 30.56 -1.61
C ASN B 154 11.03 30.01 -1.92
N GLN B 155 10.67 28.90 -1.28
CA GLN B 155 9.34 28.33 -1.43
C GLN B 155 8.31 29.34 -0.93
N GLN B 156 8.62 29.98 0.19
CA GLN B 156 7.78 31.02 0.75
C GLN B 156 7.56 32.17 -0.22
N LYS B 157 8.67 32.69 -0.78
CA LYS B 157 8.56 33.77 -1.74
C LYS B 157 7.69 33.33 -2.91
N ALA B 158 7.80 32.06 -3.27
CA ALA B 158 7.09 31.48 -4.41
C ALA B 158 5.61 31.22 -4.14
N SER B 159 5.24 31.08 -2.86
CA SER B 159 3.85 30.77 -2.50
C SER B 159 3.00 32.01 -2.22
N GLU B 160 3.60 33.19 -2.35
CA GLU B 160 2.88 34.43 -2.08
C GLU B 160 1.56 34.49 -2.82
N TYR B 161 1.52 33.93 -4.03
CA TYR B 161 0.28 33.90 -4.82
C TYR B 161 -0.90 33.32 -4.05
N MET B 162 -0.60 32.51 -3.04
CA MET B 162 -1.62 31.87 -2.23
C MET B 162 -2.30 32.86 -1.29
N LYS B 163 -1.50 33.70 -0.62
CA LYS B 163 -2.06 34.77 0.20
C LYS B 163 -3.04 35.58 -0.64
N TRP B 164 -2.60 35.90 -1.86
CA TRP B 164 -3.32 36.76 -2.78
C TRP B 164 -4.65 36.11 -3.14
N PHE B 165 -4.61 34.79 -3.33
CA PHE B 165 -5.76 34.03 -3.82
C PHE B 165 -6.99 34.02 -2.91
N GLN B 166 -6.88 34.65 -1.76
CA GLN B 166 -7.96 34.65 -0.77
C GLN B 166 -8.87 35.85 -0.98
N LYS B 167 -8.38 36.81 -1.77
CA LYS B 167 -9.03 38.10 -1.97
C LYS B 167 -9.97 38.07 -3.20
N GLN B 168 -11.12 38.77 -3.10
CA GLN B 168 -12.09 38.77 -4.21
C GLN B 168 -11.57 39.46 -5.48
N GLU B 169 -10.53 40.29 -5.33
CA GLU B 169 -9.95 41.01 -6.46
C GLU B 169 -9.20 40.05 -7.41
N VAL B 170 -8.93 38.85 -6.91
CA VAL B 170 -8.24 37.85 -7.71
C VAL B 170 -9.18 37.28 -8.75
N GLN B 171 -10.42 37.03 -8.36
CA GLN B 171 -11.40 36.59 -9.33
C GLN B 171 -11.52 37.56 -10.51
N ASP B 172 -11.56 38.87 -10.23
CA ASP B 172 -11.65 39.80 -11.34
C ASP B 172 -10.42 39.67 -12.23
N TYR B 173 -9.25 39.92 -11.64
CA TYR B 173 -7.98 39.78 -12.34
C TYR B 173 -7.85 38.50 -13.20
N MET B 174 -8.45 37.41 -12.74
CA MET B 174 -8.45 36.14 -13.48
C MET B 174 -9.45 36.16 -14.62
N GLU B 175 -10.56 36.86 -14.41
CA GLU B 175 -11.65 36.86 -15.38
C GLU B 175 -11.54 37.97 -16.43
N ARG B 176 -11.11 39.16 -16.04
CA ARG B 176 -11.19 40.34 -16.92
C ARG B 176 -10.41 40.23 -18.25
N ASP B 177 -11.01 40.74 -19.32
CA ASP B 177 -10.38 40.74 -20.63
C ASP B 177 -10.14 39.30 -21.07
N ASN B 178 -11.24 38.57 -21.28
CA ASN B 178 -11.16 37.17 -21.67
C ASN B 178 -10.07 36.44 -20.90
N PHE B 179 -10.15 36.54 -19.57
CA PHE B 179 -9.34 35.75 -18.66
C PHE B 179 -7.85 36.14 -18.69
N SER B 180 -7.56 37.42 -18.64
CA SER B 180 -6.21 37.89 -18.82
C SER B 180 -5.25 37.24 -17.83
N GLY B 181 -5.71 37.12 -16.57
CA GLY B 181 -4.88 36.56 -15.51
C GLY B 181 -4.60 35.07 -15.66
N LEU B 182 -5.61 34.34 -16.11
CA LEU B 182 -5.41 32.94 -16.39
C LEU B 182 -4.48 32.76 -17.59
N ARG B 183 -4.62 33.63 -18.60
CA ARG B 183 -3.77 33.54 -19.79
C ARG B 183 -2.31 33.67 -19.42
N LYS B 184 -1.96 34.78 -18.75
CA LYS B 184 -0.58 35.07 -18.33
C LYS B 184 0.02 33.88 -17.60
N LEU B 185 -0.83 33.19 -16.85
CA LEU B 185 -0.45 32.09 -15.99
C LEU B 185 -0.04 30.86 -16.81
N VAL B 186 -0.91 30.44 -17.70
CA VAL B 186 -0.73 29.16 -18.36
C VAL B 186 -0.60 29.26 -19.89
N ILE B 187 -1.24 30.26 -20.49
CA ILE B 187 -1.25 30.42 -21.94
C ILE B 187 -0.03 31.13 -22.50
N ASP B 188 0.43 32.18 -21.84
CA ASP B 188 1.57 32.94 -22.35
C ASP B 188 2.85 32.10 -22.41
N PRO B 189 3.19 31.43 -21.30
CA PRO B 189 4.41 30.60 -21.28
C PRO B 189 4.35 29.41 -22.25
N GLY B 190 3.18 28.86 -22.46
CA GLY B 190 3.05 27.67 -23.27
C GLY B 190 3.11 27.95 -24.75
N VAL B 191 2.70 29.15 -25.13
CA VAL B 191 2.75 29.51 -26.53
C VAL B 191 4.16 29.99 -26.86
N LYS B 192 4.76 30.70 -25.92
CA LYS B 192 6.15 31.12 -26.08
C LYS B 192 7.06 29.89 -26.21
N LYS B 193 7.02 29.01 -25.22
CA LYS B 193 7.86 27.80 -25.23
C LYS B 193 7.43 26.75 -26.27
N GLY B 194 6.23 26.88 -26.83
CA GLY B 194 5.82 26.06 -27.96
C GLY B 194 5.08 24.75 -27.74
N TYR B 195 4.75 24.43 -26.50
CA TYR B 195 3.99 23.21 -26.23
C TYR B 195 2.48 23.41 -26.34
N LEU B 196 2.06 24.65 -26.62
CA LEU B 196 0.64 24.97 -26.76
C LEU B 196 0.33 25.51 -28.15
N THR B 197 -0.50 24.79 -28.92
CA THR B 197 -0.85 25.23 -30.27
C THR B 197 -2.06 26.15 -30.19
N ALA B 198 -2.51 26.66 -31.34
CA ALA B 198 -3.67 27.53 -31.33
C ALA B 198 -4.90 26.74 -30.90
N ASP B 199 -4.90 25.45 -31.20
CA ASP B 199 -5.99 24.57 -30.78
C ASP B 199 -6.02 24.47 -29.27
N ASP B 200 -4.85 24.55 -28.65
CA ASP B 200 -4.75 24.39 -27.21
C ASP B 200 -5.30 25.63 -26.50
N VAL B 201 -4.86 26.81 -26.93
CA VAL B 201 -5.34 28.07 -26.40
C VAL B 201 -6.86 28.08 -26.50
N GLN B 202 -7.36 27.58 -27.62
CA GLN B 202 -8.79 27.48 -27.91
C GLN B 202 -9.51 26.67 -26.82
N ALA B 203 -9.06 25.44 -26.62
CA ALA B 203 -9.57 24.57 -25.55
C ALA B 203 -9.58 25.27 -24.19
N TYR B 204 -8.41 25.75 -23.77
CA TYR B 204 -8.27 26.47 -22.52
C TYR B 204 -9.31 27.58 -22.36
N MET B 205 -9.44 28.43 -23.38
CA MET B 205 -10.34 29.56 -23.29
C MET B 205 -11.75 29.07 -23.00
N ASN B 206 -12.15 27.99 -23.67
CA ASN B 206 -13.50 27.46 -23.48
C ASN B 206 -13.76 26.75 -22.15
N SER B 207 -12.77 26.04 -21.63
CA SER B 207 -12.96 25.44 -20.31
C SER B 207 -13.20 26.56 -19.32
N TRP B 208 -12.65 27.73 -19.61
CA TRP B 208 -12.80 28.88 -18.73
C TRP B 208 -14.19 29.55 -18.80
N GLU B 209 -14.77 29.65 -19.99
CA GLU B 209 -16.17 30.12 -20.11
C GLU B 209 -17.12 29.09 -19.51
N ASN B 210 -16.82 27.81 -19.74
CA ASN B 210 -17.60 26.73 -19.16
C ASN B 210 -17.44 26.59 -17.65
N GLY B 211 -16.23 26.79 -17.15
CA GLY B 211 -15.93 26.61 -15.74
C GLY B 211 -16.33 27.79 -14.87
N SER B 212 -15.99 27.72 -13.58
CA SER B 212 -16.21 28.83 -12.64
C SER B 212 -14.94 29.18 -11.86
N VAL B 213 -14.43 30.39 -12.09
CA VAL B 213 -13.25 30.88 -11.40
C VAL B 213 -13.52 31.03 -9.92
N LEU B 214 -14.78 31.25 -9.56
CA LEU B 214 -15.14 31.35 -8.16
C LEU B 214 -14.83 30.02 -7.51
N SER B 215 -15.31 28.96 -8.13
CA SER B 215 -15.03 27.58 -7.73
C SER B 215 -13.54 27.24 -7.74
N MET B 216 -12.85 27.57 -8.83
CA MET B 216 -11.45 27.22 -8.97
C MET B 216 -10.61 27.78 -7.83
N LEU B 217 -10.96 28.97 -7.34
CA LEU B 217 -10.18 29.61 -6.28
C LEU B 217 -10.63 29.19 -4.89
N SER B 218 -11.84 28.65 -4.79
CA SER B 218 -12.38 28.18 -3.53
C SER B 218 -11.50 27.10 -2.91
N TYR B 219 -11.05 26.17 -3.77
CA TYR B 219 -10.03 25.18 -3.41
C TYR B 219 -8.95 25.81 -2.53
N TYR B 220 -8.40 26.91 -3.02
CA TYR B 220 -7.33 27.60 -2.33
C TYR B 220 -7.77 28.25 -1.00
N ARG B 221 -9.07 28.45 -0.81
CA ARG B 221 -9.56 29.24 0.33
C ARG B 221 -9.99 28.39 1.53
N ASN B 222 -9.77 27.09 1.42
CA ASN B 222 -9.95 26.17 2.52
C ASN B 222 -8.58 25.71 2.99
N LEU B 223 -7.55 26.28 2.34
CA LEU B 223 -6.18 25.98 2.67
C LEU B 223 -5.82 26.58 4.02
N LYS B 224 -5.31 25.74 4.91
CA LYS B 224 -4.87 26.18 6.22
C LYS B 224 -3.36 26.25 6.23
N ILE B 225 -2.79 27.30 5.62
CA ILE B 225 -1.33 27.43 5.59
C ILE B 225 -0.82 28.85 5.83
N PHE B 226 -1.59 29.67 6.55
CA PHE B 226 -1.23 31.08 6.59
C PHE B 226 -0.75 31.58 7.94
N THR B 227 -1.42 31.18 9.01
CA THR B 227 -0.94 31.49 10.34
C THR B 227 0.32 30.68 10.58
N GLU B 228 1.05 31.01 11.63
CA GLU B 228 2.24 30.25 11.97
C GLU B 228 1.89 28.94 12.67
N GLU B 229 0.80 28.93 13.43
CA GLU B 229 0.32 27.71 14.08
CA GLU B 229 0.35 27.69 14.06
C GLU B 229 -0.06 26.64 13.04
N ASP B 230 -0.63 27.08 11.93
CA ASP B 230 -1.07 26.16 10.89
C ASP B 230 0.10 25.61 10.05
N LEU B 231 1.20 26.35 10.00
CA LEU B 231 2.40 25.91 9.31
C LEU B 231 3.19 24.85 10.07
N ARG B 232 2.99 24.78 11.39
CA ARG B 232 3.67 23.76 12.18
C ARG B 232 2.82 22.50 12.32
N ARG B 233 1.90 22.30 11.38
CA ARG B 233 1.15 21.05 11.29
C ARG B 233 1.99 20.03 10.56
N LYS B 234 1.84 18.76 10.95
CA LYS B 234 2.57 17.66 10.32
C LYS B 234 2.18 17.51 8.83
N SER B 235 0.87 17.55 8.57
CA SER B 235 0.37 17.27 7.23
C SER B 235 -0.38 18.46 6.63
N LEU B 236 -0.18 18.70 5.33
CA LEU B 236 -0.87 19.76 4.62
C LEU B 236 -2.37 19.53 4.73
N PHE B 237 -2.78 18.29 4.54
CA PHE B 237 -4.17 17.89 4.79
C PHE B 237 -4.14 16.84 5.88
N PRO B 238 -5.12 16.90 6.80
CA PRO B 238 -5.18 15.94 7.92
C PRO B 238 -4.94 14.49 7.46
N LEU B 239 -3.92 13.85 8.02
CA LEU B 239 -3.56 12.48 7.62
C LEU B 239 -3.18 11.61 8.80
N GLU B 240 -3.98 10.57 9.04
CA GLU B 240 -3.66 9.61 10.10
C GLU B 240 -2.45 8.74 9.70
N GLU B 241 -2.46 8.20 8.49
CA GLU B 241 -1.33 7.39 8.02
C GLU B 241 -0.14 8.26 7.60
N GLU B 242 1.05 7.86 8.02
CA GLU B 242 2.26 8.67 7.82
C GLU B 242 3.22 8.04 6.81
N VAL B 243 2.85 6.89 6.27
CA VAL B 243 3.64 6.24 5.22
C VAL B 243 2.69 5.80 4.12
N LEU B 244 3.13 5.89 2.88
CA LEU B 244 2.39 5.35 1.75
C LEU B 244 3.27 4.30 1.07
N ASN B 245 2.78 3.07 0.95
CA ASN B 245 3.64 1.96 0.58
C ASN B 245 3.41 1.34 -0.81
N ILE B 246 2.40 1.82 -1.55
CA ILE B 246 2.24 1.44 -2.95
C ILE B 246 3.45 1.96 -3.73
N PRO B 247 3.71 1.38 -4.90
CA PRO B 247 4.80 1.90 -5.74
C PRO B 247 4.45 3.29 -6.27
N VAL B 248 5.40 4.21 -6.30
CA VAL B 248 5.15 5.58 -6.69
C VAL B 248 6.20 6.18 -7.62
N GLN B 249 5.77 6.83 -8.70
CA GLN B 249 6.69 7.55 -9.56
C GLN B 249 6.51 9.05 -9.47
N ILE B 250 7.59 9.77 -9.24
CA ILE B 250 7.56 11.22 -9.35
C ILE B 250 8.21 11.64 -10.66
N ILE B 251 7.49 12.46 -11.41
CA ILE B 251 8.03 13.12 -12.58
C ILE B 251 7.92 14.61 -12.28
N TRP B 252 9.06 15.30 -12.26
CA TRP B 252 9.16 16.63 -11.68
C TRP B 252 10.09 17.53 -12.48
N GLY B 253 9.52 18.53 -13.18
CA GLY B 253 10.31 19.51 -13.90
C GLY B 253 10.94 20.51 -12.95
N ASN B 254 12.25 20.68 -13.03
CA ASN B 254 13.01 21.41 -12.01
C ASN B 254 12.77 22.90 -11.97
N GLN B 255 12.30 23.44 -13.09
CA GLN B 255 12.22 24.87 -13.20
C GLN B 255 10.87 25.42 -12.83
N ASP B 256 10.02 24.56 -12.27
CA ASP B 256 8.73 25.03 -11.80
C ASP B 256 8.92 26.19 -10.84
N PRO B 257 8.35 27.36 -11.20
CA PRO B 257 8.31 28.59 -10.39
C PRO B 257 7.47 28.51 -9.11
N THR B 258 6.46 27.65 -9.04
CA THR B 258 5.63 27.57 -7.84
C THR B 258 6.06 26.51 -6.80
N PHE B 259 6.90 25.56 -7.22
CA PHE B 259 7.38 24.48 -6.36
C PHE B 259 8.88 24.29 -6.45
N MET B 260 9.56 24.57 -5.34
CA MET B 260 11.01 24.37 -5.27
C MET B 260 11.37 22.89 -5.25
N PRO B 261 12.60 22.54 -5.68
CA PRO B 261 12.99 21.14 -5.79
C PRO B 261 13.17 20.50 -4.43
N GLU B 262 13.54 21.28 -3.42
CA GLU B 262 13.68 20.74 -2.07
C GLU B 262 12.39 20.04 -1.59
N ASN B 263 11.31 20.20 -2.33
CA ASN B 263 10.08 19.51 -2.00
C ASN B 263 10.25 18.00 -2.07
N LEU B 264 11.29 17.57 -2.79
CA LEU B 264 11.54 16.15 -3.04
C LEU B 264 12.57 15.55 -2.07
N ASP B 265 13.16 16.40 -1.25
CA ASP B 265 14.18 15.97 -0.31
C ASP B 265 13.60 15.06 0.78
N GLY B 266 14.33 14.00 1.13
CA GLY B 266 13.92 13.10 2.19
C GLY B 266 12.48 12.64 2.08
N ILE B 267 12.01 12.46 0.85
CA ILE B 267 10.65 12.09 0.56
C ILE B 267 10.42 10.60 0.74
N GLU B 268 11.49 9.84 0.59
CA GLU B 268 11.44 8.38 0.71
C GLU B 268 11.07 8.00 2.14
N GLU B 269 11.00 9.00 3.02
CA GLU B 269 10.59 8.75 4.40
C GLU B 269 9.09 8.61 4.48
N TYR B 270 8.40 9.23 3.54
CA TYR B 270 6.94 9.17 3.54
C TYR B 270 6.41 8.28 2.43
N VAL B 271 7.17 8.18 1.34
CA VAL B 271 6.92 7.20 0.30
C VAL B 271 8.12 6.26 0.15
N PRO B 272 8.16 5.21 0.97
CA PRO B 272 9.24 4.21 1.01
C PRO B 272 9.60 3.65 -0.36
N ASN B 273 8.62 3.09 -1.05
CA ASN B 273 8.84 2.52 -2.36
C ASN B 273 8.65 3.52 -3.50
N ILE B 274 9.65 4.34 -3.74
CA ILE B 274 9.48 5.42 -4.71
C ILE B 274 10.59 5.51 -5.75
N SER B 275 10.23 5.92 -6.96
CA SER B 275 11.18 6.33 -7.98
C SER B 275 10.92 7.79 -8.29
N VAL B 276 11.98 8.57 -8.39
CA VAL B 276 11.88 10.00 -8.72
C VAL B 276 12.65 10.34 -10.01
N HIS B 277 12.00 11.08 -10.90
CA HIS B 277 12.65 11.48 -12.15
C HIS B 277 12.56 12.99 -12.34
N ARG B 278 13.72 13.65 -12.39
CA ARG B 278 13.73 15.10 -12.54
C ARG B 278 14.10 15.52 -13.96
N LEU B 279 13.39 16.53 -14.46
CA LEU B 279 13.74 17.16 -15.72
C LEU B 279 14.19 18.58 -15.41
N ALA B 280 15.44 18.92 -15.72
CA ALA B 280 15.91 20.28 -15.48
C ALA B 280 15.48 21.17 -16.63
N GLU B 281 14.84 20.56 -17.61
CA GLU B 281 14.40 21.27 -18.81
C GLU B 281 12.93 21.69 -18.72
N ALA B 282 12.16 20.97 -17.90
CA ALA B 282 10.72 21.21 -17.82
C ALA B 282 10.40 22.09 -16.62
N SER B 283 9.17 22.59 -16.59
CA SER B 283 8.78 23.53 -15.56
C SER B 283 7.59 23.00 -14.78
N HIS B 284 6.47 23.72 -14.81
CA HIS B 284 5.35 23.36 -13.95
C HIS B 284 4.54 22.16 -14.44
N ALA B 285 4.33 22.06 -15.75
CA ALA B 285 3.48 21.00 -16.28
C ALA B 285 4.22 20.12 -17.28
N PRO B 286 5.17 19.30 -16.77
CA PRO B 286 6.07 18.47 -17.59
C PRO B 286 5.32 17.61 -18.60
N GLN B 287 4.14 17.14 -18.23
CA GLN B 287 3.41 16.17 -19.03
C GLN B 287 3.08 16.62 -20.43
N HIS B 288 2.86 17.91 -20.64
CA HIS B 288 2.60 18.40 -22.00
C HIS B 288 3.65 19.41 -22.49
N GLU B 289 4.72 19.59 -21.72
CA GLU B 289 5.84 20.40 -22.16
CA GLU B 289 5.85 20.41 -22.14
C GLU B 289 6.88 19.49 -22.79
N LYS B 290 7.07 18.33 -22.18
CA LYS B 290 7.97 17.31 -22.69
C LYS B 290 7.26 15.96 -22.74
N PRO B 291 6.15 15.89 -23.50
CA PRO B 291 5.25 14.72 -23.46
C PRO B 291 5.92 13.39 -23.79
N GLN B 292 6.90 13.39 -24.68
CA GLN B 292 7.49 12.12 -25.07
C GLN B 292 8.44 11.61 -24.00
N GLU B 293 9.34 12.48 -23.52
CA GLU B 293 10.21 12.12 -22.40
C GLU B 293 9.38 11.61 -21.23
N VAL B 294 8.38 12.39 -20.82
CA VAL B 294 7.45 11.98 -19.77
C VAL B 294 6.83 10.62 -20.06
N ASN B 295 6.37 10.40 -21.29
CA ASN B 295 5.69 9.14 -21.60
C ASN B 295 6.56 7.91 -21.41
N ASN B 296 7.86 8.05 -21.59
CA ASN B 296 8.80 6.94 -21.37
C ASN B 296 8.99 6.64 -19.90
N VAL B 297 9.14 7.69 -19.09
CA VAL B 297 9.25 7.56 -17.64
C VAL B 297 8.08 6.75 -17.09
N MET B 298 6.88 7.07 -17.58
CA MET B 298 5.66 6.43 -17.13
C MET B 298 5.64 4.97 -17.52
N TRP B 299 5.99 4.72 -18.78
CA TRP B 299 6.09 3.35 -19.28
C TRP B 299 7.07 2.51 -18.46
N ASN B 300 8.24 3.07 -18.19
CA ASN B 300 9.26 2.33 -17.50
C ASN B 300 8.82 1.94 -16.09
N PHE B 301 8.04 2.82 -15.48
CA PHE B 301 7.58 2.62 -14.12
C PHE B 301 6.45 1.59 -14.07
N LEU B 302 5.55 1.68 -15.03
CA LEU B 302 4.47 0.71 -15.17
C LEU B 302 4.97 -0.68 -15.47
N ASN B 303 6.20 -0.75 -15.98
CA ASN B 303 6.77 -1.98 -16.53
C ASN B 303 7.87 -2.60 -15.70
N LYS B 304 8.33 -1.87 -14.66
CA LYS B 304 9.25 -2.44 -13.68
C LYS B 304 8.59 -3.68 -13.08
S SO4 C . 19.86 -24.48 -0.18
O1 SO4 C . 20.66 -23.62 0.71
O2 SO4 C . 19.12 -23.68 -1.16
O3 SO4 C . 20.76 -25.41 -0.90
O4 SO4 C . 18.95 -25.29 0.63
C01 RN1 D . -2.42 -23.51 8.06
C02 RN1 D . -2.13 -22.57 9.04
C03 RN1 D . -3.07 -21.59 9.38
C04 RN1 D . -4.34 -21.55 8.73
C05 RN1 D . -4.64 -22.47 7.77
C06 RN1 D . -3.67 -23.46 7.43
C07 RN1 D . -5.29 -20.54 9.09
C08 RN1 D . -6.53 -20.50 8.45
C09 RN1 D . -6.84 -21.44 7.45
C10 RN1 D . -5.91 -22.44 7.11
O11 RN1 D . -6.18 -23.40 6.15
C12 RN1 D . -7.20 -23.35 5.19
C13 RN1 D . -6.78 -23.79 3.82
C14 RN1 D . -7.38 -22.95 2.73
O15 RN1 D . -5.40 -23.69 3.77
O16 RN1 D . -7.06 -23.20 1.39
S SO4 E . 9.48 15.67 -25.86
O1 SO4 E . 9.75 14.83 -27.02
O2 SO4 E . 8.15 16.27 -26.08
O3 SO4 E . 9.48 14.85 -24.64
O4 SO4 E . 10.49 16.71 -25.71
C01 RN1 F . -0.66 24.64 -5.96
C02 RN1 F . -1.85 23.95 -6.21
C03 RN1 F . -2.53 23.31 -5.17
C04 RN1 F . -2.00 23.37 -3.85
C05 RN1 F . -0.84 24.04 -3.59
C06 RN1 F . -0.15 24.70 -4.66
C07 RN1 F . -2.69 22.72 -2.77
C08 RN1 F . -2.19 22.78 -1.49
C09 RN1 F . -1.00 23.47 -1.22
C10 RN1 F . -0.32 24.11 -2.26
O11 RN1 F . 0.84 24.78 -2.02
C12 RN1 F . 1.65 24.41 -0.97
C13 RN1 F . 3.06 24.90 -0.97
C14 RN1 F . 3.95 23.88 -1.60
O15 RN1 F . 3.13 26.08 -1.68
O16 RN1 F . 5.10 23.53 -0.93
#